data_1C2W
#
_entry.id   1C2W
#
_cell.length_a   1.000
_cell.length_b   1.000
_cell.length_c   1.000
_cell.angle_alpha   90.00
_cell.angle_beta   90.00
_cell.angle_gamma   90.00
#
_symmetry.space_group_name_H-M   'P 1'
#
_entity_poly.entity_id   1
_entity_poly.type   'polyribonucleotide'
_entity_poly.pdbx_seq_one_letter_code
;GGUUAAGCGACUAAGCGUACACGGUGGAUGCCCUGGCAGUCAGAGGCGAUGAAGGACGUGCUAAUCUGCGAUAAGCGUCG
GUAAGGUGAUAUGAACCGUUAUAACCGGCGAUUUCCGAAUGGGGAAACCCAGUGUGUUUCGACACACUAUCAUUAACUGA
AUCCAUAGGUUAAUGAGGCGAACCGGGGGAACUGAAACAUCUAAGUACCCCGAGGAAAAGAAAUCAACCGAGAUUCCCCC
AGUAGCGGCGAGCGAACGGGGAGCAGCCCAGAGCCUGAAUCAGUGUGUGUGUUAGUGGAAGCGUCUGGAAAGGCGCGCGA
UACAGGGUGACAGCCCCGUACACAAAAAUGCACAUGCUGUGAGCUCGAUGAGUAGGGCGGGACACGUGGUAUCCUGUCUG
AAUAUGGGGGGACCAUCCUCCAAGGCUAAAUACUCCUGACUGACCGAUAGUGAACCAGUACCGUGAGGGAAAGGCGAAAA
GAACCCCGGCGAGGGGAGUGAAAAAGAACCUGAAACCGUGUACGUACAAGCAGUGGGAGCACGCUUAGGCGUGUGACUGC
GUACCUUUUGUAUAAUGGGUCAGCGACUUAUAUUCUGUAGCAAGGUUAACCGAAUAGGGGAGCCGAAGGGAAACCGAGUC
UUAACUGGGCGUUAAGUUGCAGGGUAUAGACCCGAAACCCGGUGAUCUAGCCAUGGGCAGGUUGAAGGUUGGGUAACACU
AACUGGAGGACCGAACCGACUAAU(7MG)(PSU)(5MU)GAAAAAUUAGCGGAUGACUUGUGGCUGGGGGUGAAAGGCCA
AUCAAACCGGGAGAUAGCUGGUUCUCCCCGAAAGCUAUUUAGGUAGCGCCUCGUGAAUUCAUCUCCGGGGGUAGAGCACU
GUUUCGGCAAGGGGGUCAUCCCGACUUACCAACCCGAUGCAAACUGCGAAUACCGGAGAAUGUUAUCACGGGAGACACAC
GGCGGGUGCUAACGUCCGUCGUGAAGAGGGAAACAACCCAGACCGCCAGCUAAGGUCCCAAAGUCAUGGUUAAGUGGGAA
ACGAUGUGGGAAGGCCCAGACAGCCAGGAUGUUGGCUUAGAAGCAGCCAUCAUUUAAAGAAAGCGUAAUAGCUCACUGGU
CGAGUCGGCCUGCGCGGAAGAUGUAACGGGGCUAAACCAUGCACCGAAGCUGCGGCAGCGACGCUUAUGCGUUGUUGGGU
AGGGGAGCGUUCUGUAAGCCUGCGAAGGUGUGCUGUGAGGCAUGCUGGAGGUAUCAGAAGUGCGAAUGCUGACAUAAGUA
ACGAUAAAGCGGGUGAAAAGCCCGCUCGCCGGAAGACCAAGGGUUCCUGUCCAACGUUAAUCGGGGCAGGGUGAGUCGAC
CCCUAAGGCGAGGCCGAAAGGCGUAGUCGAUGGGAAACAGGUUAAUAUUCCUGUACUUGGUGUUACUGCGAAGGGGGGAC
GCAGAAGGCUAUGUUGGCCGGGCGACGGUUGUCCCGGUUUAAGCGUGUAGGCUGGUUUUCCAGGCAAAUCCGGAAAAUCA
AGGCUGAGGCGUGAUGACGAGGCACUACGGUGCUGAAGCAACAAAUGCCCUGCUUCCAGGAAAAGCCUCUAAGCAUCAGG
UAACAUCAAAUCGUACCCCAAACCGACAC(1MA)GGUGGUCAGGUAGAGAAUACCAAGGCGCUUGAGAGAACUCGGGUGA
AGGAACUAGGCAAAAUGGUGCCGUAACUUCGGGAGAAGGCACGCUGAUAUGUAGGUGAGGUCCCUCGCGGAUGGAGCUGA
AAUCAGUCGAAGAUACCAGCUGGCUGCAACUGUUUAUUAAAAACACAGCACUGUGCAAACACGAAAGUGGACGUAUACGG
UGUGACGCCUGCCCGGUGCCGGAAGGUUAAUUGAUGGGGUUAGCGCAAGCGAAGCUCUUGAUCGAAGCCCCGGUAAACGG
CGGCCG(PSU)AAC(5MU)A(PSU)AACGGUCCUAAGGUAGCGAAA(5MU)UCCUUGUCGGGUAAGUUCCGACCUGCACG
AAUGGCGUAAUGAUGGCCAGGCUGUCUCCACCCGAGACUCAGUGAAAUUGAACUCGCUGUG(1MA)AGAUGCAGUGUACC
CGCGGCAAGACGGAAAGACCCCGU(7MG)AACCUUUACUAUAGCUUGACACUGAACAUUGAGCCUUGAUGUGUAGGAUAG
GUGGGAGGCUUUGAAGUGUGGACGCCAGUCUGCAUGGAGCCGACCUUGAAAUACCACCCUUUAAUGUUUGAUGUUCUAAC
GUUGACCCGUAAUCCGGGUUGCGGACAGUGUCUGGUGGGUAGUUUGACUG(7MG)GGCGGUCUCCUCCUAAAGAGUAACG
GAGGAGCACGAAGGUUGGCUAAUCCUGGUCGGACAUCAGGAGGUUAGUGCAAUGGCAUAAGCCAGCUUGACUGCGAGCGU
GACGGCGCGAGCAGGUGCGAAAGCAGGUCAUAGUGAUCCGGUGGUUCUGAAUGGAAGGGCCAUCGCUCAACGGAUAAAAG
GUACUCCGGGGA(5MU)AACAGGCUGAUACCGCCCAAGAGUUCAUAUCGACGGCGGUGUUUGGCA(5MC)CUCGAUGUCG
GCUCAUCACAUCCUGGGGCUGAAGUAGGUCCCAAGGGUAUGGCUGUUCGCCAUUUAAAGUGGUACGCGAGCUGGGUUUAG
AACGUCGUGAGACAGUUCGGUCCCUAUCUGCCGUGGGCGCUGGAGAACUGAGGGGGGCUGCUCCUAGUACGAGAGGACCG
GAGUGGACGCAUCACUGGUGUUCGGGUUGUCAUGCCAAUGGCACUGCCCGGUAGCUAAAUGCGGAAGAGAUAAGUGCUGA
AAGCAUCUAAGCACGAAACUUGCCCCGAGAUGAGUUCUCCCUGACCCUUUAAGGGUCCUGAAGGAACGUUGAAGACGACG
ACGUUGAUAGGCCGGGUGUGUAAGCGCAGCGAUGCGUUGAGCUAACCGGUACUAAUGAACCGUGAGGCUUAACCUU
;
_entity_poly.pdbx_strand_id   B
#